data_4FHH
#
_entry.id   4FHH
#
_cell.length_a   66.289
_cell.length_b   66.289
_cell.length_c   264.225
_cell.angle_alpha   90.00
_cell.angle_beta   90.00
_cell.angle_gamma   120.00
#
_symmetry.space_group_name_H-M   'P 65 2 2'
#
loop_
_entity.id
_entity.type
_entity.pdbx_description
1 polymer 'Vitamin D3 receptor A'
2 polymer 'Nuclear receptor coactivator 2'
3 non-polymer N-hydroxy-2-{4-[3-(4-{[(2S)-2-hydroxy-3,3-dimethylbutyl]oxy}-3-methylphenyl)pentan-3-yl]-2-methylphenoxy}acetamide
4 water water
#
loop_
_entity_poly.entity_id
_entity_poly.type
_entity_poly.pdbx_seq_one_letter_code
_entity_poly.pdbx_strand_id
1 'polypeptide(L)'
;HMLSDEQMQIINSLVEAHHKTYDDSYSDFVRFRPPVREGPVTRSASRAASLHSLSDASSDSFNHSPESVDTKLNFSNLLM
MYQDSGSPDSSEEDQQSRLSMLPHLADLVSYSIQKVIGFAKMIPGFRDLTAEDQIALLKSSAIEIIMLRSNQSFSLEDMS
WSCGGPDFKYCINDVTKAGHTLELLEPLVKFQVGLKKLKLHEEEHVLLMAICLLSPDRPGVQDHVRIEALQDRLCDVLQA
YIRIQHPGGRLLYAKMIQKLADLRSLNEEHSKQYRSLSFQPEHSMQLTPLVLEVFGSEVS
;
A
2 'polypeptide(L)' KHKILHRLLQDSS B
#
loop_
_chem_comp.id
_chem_comp.type
_chem_comp.name
_chem_comp.formula
0U3 non-polymer N-hydroxy-2-{4-[3-(4-{[(2S)-2-hydroxy-3,3-dimethylbutyl]oxy}-3-methylphenyl)pentan-3-yl]-2-methylphenoxy}acetamide 'C27 H39 N O5'
#
# COMPACT_ATOMS: atom_id res chain seq x y z
N HIS A 1 30.21 7.31 -8.99
CA HIS A 1 29.27 8.45 -8.76
C HIS A 1 28.66 8.37 -7.35
N MET A 2 28.10 9.48 -6.88
CA MET A 2 27.47 9.54 -5.56
C MET A 2 26.18 10.38 -5.56
N LEU A 3 25.39 10.22 -4.50
CA LEU A 3 24.11 10.94 -4.34
C LEU A 3 24.29 12.37 -3.84
N SER A 4 23.34 13.24 -4.18
CA SER A 4 23.39 14.64 -3.75
C SER A 4 22.55 14.85 -2.51
N ASP A 5 22.60 16.05 -1.93
CA ASP A 5 21.82 16.36 -0.75
C ASP A 5 20.32 16.27 -0.98
N GLU A 6 19.76 17.25 -1.69
CA GLU A 6 18.34 17.23 -1.99
C GLU A 6 18.17 16.04 -2.92
N GLN A 7 18.19 14.85 -2.32
CA GLN A 7 18.07 13.58 -3.02
C GLN A 7 18.27 12.55 -1.92
N MET A 8 19.10 12.92 -0.96
CA MET A 8 19.40 12.09 0.18
C MET A 8 18.45 12.54 1.28
N GLN A 9 18.05 13.81 1.23
CA GLN A 9 17.12 14.35 2.20
C GLN A 9 15.77 13.69 1.93
N ILE A 10 15.50 13.45 0.65
CA ILE A 10 14.28 12.81 0.20
C ILE A 10 14.21 11.40 0.79
N ILE A 11 15.32 10.67 0.67
CA ILE A 11 15.38 9.31 1.21
C ILE A 11 15.24 9.30 2.73
N ASN A 12 15.84 10.27 3.42
CA ASN A 12 15.73 10.32 4.88
C ASN A 12 14.31 10.66 5.29
N SER A 13 13.64 11.51 4.51
CA SER A 13 12.26 11.91 4.80
C SER A 13 11.30 10.74 4.66
N LEU A 14 11.45 9.98 3.57
CA LEU A 14 10.59 8.83 3.33
C LEU A 14 10.81 7.73 4.37
N VAL A 15 12.07 7.40 4.62
CA VAL A 15 12.40 6.36 5.60
C VAL A 15 11.83 6.73 6.98
N GLU A 16 11.95 8.00 7.35
CA GLU A 16 11.44 8.44 8.64
C GLU A 16 9.90 8.41 8.67
N ALA A 17 9.26 8.74 7.55
CA ALA A 17 7.80 8.74 7.46
C ALA A 17 7.28 7.31 7.56
N HIS A 18 8.01 6.37 6.98
CA HIS A 18 7.63 4.97 7.05
C HIS A 18 7.73 4.48 8.49
N HIS A 19 8.82 4.84 9.17
CA HIS A 19 9.01 4.42 10.56
C HIS A 19 7.94 5.01 11.46
N LYS A 20 7.53 6.22 11.15
CA LYS A 20 6.52 6.93 11.91
C LYS A 20 5.12 6.36 11.68
N THR A 21 4.93 5.64 10.57
CA THR A 21 3.62 5.08 10.25
C THR A 21 3.56 3.57 10.12
N TYR A 22 4.60 2.88 10.59
CA TYR A 22 4.60 1.44 10.53
C TYR A 22 5.09 0.89 11.85
N ASP A 23 4.13 0.37 12.62
CA ASP A 23 4.36 -0.19 13.95
C ASP A 23 4.92 -1.62 13.83
N ASP A 24 6.18 -1.79 14.22
CA ASP A 24 6.84 -3.10 14.17
C ASP A 24 6.31 -4.07 15.24
N SER A 25 5.71 -3.53 16.30
CA SER A 25 5.18 -4.35 17.39
C SER A 25 3.76 -4.87 17.10
N TYR A 26 3.08 -4.22 16.16
CA TYR A 26 1.72 -4.60 15.78
C TYR A 26 0.79 -4.60 16.98
N SER A 27 1.06 -3.74 17.94
CA SER A 27 0.28 -3.67 19.17
C SER A 27 -1.11 -3.07 19.01
N ASP A 28 -1.45 -2.62 17.81
CA ASP A 28 -2.78 -2.05 17.60
C ASP A 28 -3.77 -3.11 17.13
N PHE A 29 -3.26 -4.25 16.70
CA PHE A 29 -4.10 -5.33 16.21
C PHE A 29 -5.05 -5.90 17.25
N VAL A 30 -4.72 -5.76 18.53
CA VAL A 30 -5.61 -6.29 19.58
C VAL A 30 -6.85 -5.42 19.72
N ARG A 31 -6.80 -4.21 19.15
CA ARG A 31 -7.94 -3.30 19.20
C ARG A 31 -8.97 -3.56 18.08
N PHE A 32 -8.59 -4.37 17.08
CA PHE A 32 -9.49 -4.70 15.97
C PHE A 32 -10.50 -5.73 16.44
N ARG A 33 -11.63 -5.82 15.74
CA ARG A 33 -12.61 -6.83 16.08
C ARG A 33 -11.80 -8.12 15.90
N PRO A 34 -11.84 -9.01 16.88
CA PRO A 34 -11.09 -10.27 16.81
C PRO A 34 -11.32 -11.15 15.60
N PRO A 35 -10.26 -11.81 15.11
CA PRO A 35 -10.37 -12.70 13.96
C PRO A 35 -11.20 -13.92 14.36
N VAL A 36 -11.87 -14.53 13.39
CA VAL A 36 -12.67 -15.72 13.66
C VAL A 36 -12.42 -16.70 12.53
N ARG A 37 -11.71 -17.79 12.82
CA ARG A 37 -11.42 -18.79 11.82
C ARG A 37 -12.43 -19.92 11.84
N ARG A 98 -20.74 -17.27 7.18
CA ARG A 98 -20.41 -16.61 5.92
C ARG A 98 -19.44 -15.45 6.12
N LEU A 99 -18.21 -15.60 5.61
CA LEU A 99 -17.15 -14.58 5.70
C LEU A 99 -16.83 -14.17 7.13
N SER A 100 -16.29 -15.11 7.90
CA SER A 100 -15.97 -14.92 9.30
C SER A 100 -14.77 -14.02 9.58
N MET A 101 -13.89 -13.87 8.59
CA MET A 101 -12.71 -13.03 8.74
C MET A 101 -12.90 -11.60 8.29
N LEU A 102 -14.08 -11.28 7.74
CA LEU A 102 -14.35 -9.93 7.24
C LEU A 102 -14.24 -8.82 8.29
N PRO A 103 -14.80 -9.03 9.49
CA PRO A 103 -14.71 -7.98 10.50
C PRO A 103 -13.26 -7.65 10.85
N HIS A 104 -12.46 -8.68 11.13
CA HIS A 104 -11.06 -8.43 11.46
C HIS A 104 -10.25 -7.80 10.32
N LEU A 105 -10.35 -8.37 9.12
CA LEU A 105 -9.58 -7.85 7.99
C LEU A 105 -10.03 -6.46 7.56
N ALA A 106 -11.30 -6.14 7.81
CA ALA A 106 -11.84 -4.83 7.45
C ALA A 106 -11.22 -3.80 8.38
N ASP A 107 -11.04 -4.17 9.66
CA ASP A 107 -10.42 -3.27 10.61
C ASP A 107 -8.92 -3.14 10.32
N LEU A 108 -8.31 -4.25 9.90
CA LEU A 108 -6.88 -4.25 9.56
C LEU A 108 -6.64 -3.30 8.41
N VAL A 109 -7.47 -3.44 7.38
CA VAL A 109 -7.37 -2.61 6.19
C VAL A 109 -7.73 -1.15 6.47
N SER A 110 -8.69 -0.91 7.35
CA SER A 110 -9.08 0.46 7.65
C SER A 110 -7.92 1.15 8.33
N TYR A 111 -7.33 0.44 9.28
CA TYR A 111 -6.19 0.93 10.03
C TYR A 111 -4.99 1.18 9.09
N SER A 112 -4.78 0.33 8.09
CA SER A 112 -3.65 0.51 7.19
C SER A 112 -3.84 1.76 6.34
N ILE A 113 -5.09 2.00 5.93
CA ILE A 113 -5.40 3.18 5.12
C ILE A 113 -4.98 4.41 5.91
N GLN A 114 -5.29 4.45 7.21
CA GLN A 114 -4.92 5.58 8.02
C GLN A 114 -3.41 5.77 8.01
N LYS A 115 -2.67 4.66 8.01
CA LYS A 115 -1.23 4.72 8.00
C LYS A 115 -0.70 5.23 6.65
N VAL A 116 -1.29 4.74 5.57
CA VAL A 116 -0.91 5.15 4.23
C VAL A 116 -1.12 6.66 4.08
N ILE A 117 -2.23 7.18 4.61
CA ILE A 117 -2.54 8.61 4.53
C ILE A 117 -1.46 9.41 5.30
N GLY A 118 -1.06 8.88 6.45
CA GLY A 118 -0.03 9.53 7.26
C GLY A 118 1.29 9.54 6.51
N PHE A 119 1.55 8.46 5.80
CA PHE A 119 2.78 8.35 5.02
C PHE A 119 2.74 9.33 3.85
N ALA A 120 1.63 9.34 3.12
CA ALA A 120 1.45 10.20 1.96
C ALA A 120 1.67 11.67 2.28
N LYS A 121 1.10 12.13 3.38
CA LYS A 121 1.24 13.52 3.78
C LYS A 121 2.69 13.92 4.05
N MET A 122 3.58 12.94 4.16
CA MET A 122 4.98 13.21 4.42
C MET A 122 5.86 13.01 3.19
N ILE A 123 5.25 12.61 2.09
CA ILE A 123 6.00 12.45 0.84
C ILE A 123 6.22 13.89 0.36
N PRO A 124 7.48 14.28 0.09
CA PRO A 124 7.71 15.65 -0.38
C PRO A 124 6.95 15.98 -1.67
N GLY A 125 6.21 17.09 -1.62
CA GLY A 125 5.41 17.51 -2.75
C GLY A 125 3.95 17.09 -2.67
N PHE A 126 3.68 15.99 -1.95
CA PHE A 126 2.31 15.50 -1.84
C PHE A 126 1.36 16.49 -1.17
N ARG A 127 1.78 17.05 -0.05
CA ARG A 127 0.93 17.98 0.69
C ARG A 127 0.61 19.27 -0.04
N ASP A 128 1.35 19.55 -1.11
CA ASP A 128 1.13 20.77 -1.88
C ASP A 128 0.11 20.60 -3.01
N LEU A 129 -0.16 19.35 -3.40
CA LEU A 129 -1.14 19.07 -4.44
C LEU A 129 -2.51 19.53 -3.96
N THR A 130 -3.53 19.47 -4.83
CA THR A 130 -4.88 19.86 -4.44
C THR A 130 -5.50 18.71 -3.66
N ALA A 131 -6.43 19.02 -2.76
CA ALA A 131 -7.07 17.98 -1.97
C ALA A 131 -7.67 16.92 -2.91
N GLU A 132 -8.24 17.39 -4.01
CA GLU A 132 -8.85 16.50 -4.98
C GLU A 132 -7.82 15.54 -5.57
N ASP A 133 -6.63 16.04 -5.86
CA ASP A 133 -5.60 15.17 -6.41
C ASP A 133 -5.07 14.22 -5.35
N GLN A 134 -4.89 14.71 -4.12
CA GLN A 134 -4.41 13.86 -3.03
C GLN A 134 -5.38 12.70 -2.83
N ILE A 135 -6.67 13.02 -2.84
CA ILE A 135 -7.70 12.01 -2.69
C ILE A 135 -7.73 11.05 -3.87
N ALA A 136 -7.59 11.58 -5.08
CA ALA A 136 -7.59 10.74 -6.28
C ALA A 136 -6.43 9.73 -6.27
N LEU A 137 -5.27 10.17 -5.81
CA LEU A 137 -4.10 9.30 -5.71
C LEU A 137 -4.28 8.24 -4.61
N LEU A 138 -4.79 8.67 -3.45
CA LEU A 138 -5.01 7.78 -2.32
C LEU A 138 -6.03 6.68 -2.60
N LYS A 139 -7.18 7.07 -3.15
CA LYS A 139 -8.24 6.12 -3.46
C LYS A 139 -7.85 5.09 -4.52
N SER A 140 -7.12 5.54 -5.54
CA SER A 140 -6.73 4.62 -6.60
C SER A 140 -5.50 3.79 -6.27
N SER A 141 -4.68 4.23 -5.31
CA SER A 141 -3.48 3.46 -5.00
C SER A 141 -3.44 2.81 -3.63
N ALA A 142 -4.37 3.17 -2.77
CA ALA A 142 -4.40 2.65 -1.41
C ALA A 142 -4.16 1.15 -1.27
N ILE A 143 -4.88 0.34 -2.05
CA ILE A 143 -4.72 -1.09 -1.93
C ILE A 143 -3.33 -1.56 -2.37
N GLU A 144 -2.73 -0.86 -3.32
CA GLU A 144 -1.41 -1.24 -3.79
C GLU A 144 -0.37 -0.92 -2.72
N ILE A 145 -0.54 0.21 -2.04
CA ILE A 145 0.38 0.60 -0.98
C ILE A 145 0.25 -0.36 0.21
N ILE A 146 -0.98 -0.78 0.50
CA ILE A 146 -1.25 -1.73 1.59
C ILE A 146 -0.52 -3.06 1.29
N MET A 147 -0.64 -3.52 0.04
CA MET A 147 -0.01 -4.75 -0.41
C MET A 147 1.50 -4.66 -0.34
N LEU A 148 2.04 -3.48 -0.59
CA LEU A 148 3.49 -3.29 -0.53
C LEU A 148 3.94 -3.29 0.94
N ARG A 149 3.25 -2.53 1.80
CA ARG A 149 3.68 -2.50 3.19
C ARG A 149 3.48 -3.82 3.93
N SER A 150 2.54 -4.64 3.46
CA SER A 150 2.28 -5.94 4.09
C SER A 150 3.42 -6.92 3.83
N ASN A 151 4.23 -6.66 2.81
CA ASN A 151 5.34 -7.56 2.48
C ASN A 151 6.36 -7.60 3.61
N GLN A 152 6.39 -6.53 4.40
CA GLN A 152 7.30 -6.43 5.52
C GLN A 152 7.07 -7.57 6.53
N SER A 153 5.82 -8.06 6.60
CA SER A 153 5.47 -9.13 7.52
C SER A 153 5.27 -10.46 6.81
N PHE A 154 5.48 -10.48 5.50
CA PHE A 154 5.32 -11.72 4.75
C PHE A 154 6.49 -12.65 5.05
N SER A 155 6.20 -13.95 5.10
CA SER A 155 7.22 -14.95 5.38
C SER A 155 7.23 -16.01 4.29
N LEU A 156 8.40 -16.22 3.70
CA LEU A 156 8.55 -17.20 2.63
C LEU A 156 8.54 -18.64 3.11
N GLU A 157 8.60 -18.83 4.43
CA GLU A 157 8.60 -20.17 4.98
C GLU A 157 7.20 -20.74 5.09
N ASP A 158 6.24 -19.88 5.42
CA ASP A 158 4.84 -20.31 5.55
C ASP A 158 3.91 -19.60 4.58
N MET A 159 4.47 -18.85 3.63
CA MET A 159 3.66 -18.13 2.66
C MET A 159 2.52 -17.35 3.30
N SER A 160 2.76 -16.87 4.52
CA SER A 160 1.74 -16.12 5.23
C SER A 160 2.30 -14.82 5.79
N TRP A 161 1.41 -13.99 6.31
CA TRP A 161 1.77 -12.71 6.89
C TRP A 161 1.70 -12.91 8.39
N SER A 162 2.81 -12.68 9.10
CA SER A 162 2.86 -12.85 10.55
C SER A 162 3.00 -11.51 11.25
N CYS A 163 1.98 -11.08 12.00
CA CYS A 163 2.04 -9.79 12.67
C CYS A 163 2.04 -9.82 14.20
N GLY A 164 3.02 -10.51 14.77
CA GLY A 164 3.12 -10.60 16.22
C GLY A 164 2.69 -11.96 16.76
N GLY A 165 1.42 -12.06 17.17
CA GLY A 165 0.93 -13.30 17.72
C GLY A 165 0.41 -14.28 16.68
N PRO A 166 0.03 -15.50 17.10
CA PRO A 166 -0.49 -16.53 16.20
C PRO A 166 -1.90 -16.17 15.76
N ASP A 167 -2.55 -15.30 16.53
CA ASP A 167 -3.90 -14.85 16.21
C ASP A 167 -3.80 -13.97 14.97
N PHE A 168 -2.72 -13.20 14.92
CA PHE A 168 -2.48 -12.29 13.82
C PHE A 168 -1.48 -12.82 12.80
N LYS A 169 -1.69 -14.06 12.40
CA LYS A 169 -0.87 -14.72 11.39
C LYS A 169 -1.89 -15.04 10.31
N TYR A 170 -1.84 -14.31 9.21
CA TYR A 170 -2.80 -14.50 8.15
C TYR A 170 -2.38 -15.42 7.03
N CYS A 171 -3.25 -16.38 6.76
CA CYS A 171 -3.03 -17.37 5.73
C CYS A 171 -3.89 -16.96 4.53
N ILE A 172 -3.60 -17.55 3.37
CA ILE A 172 -4.36 -17.25 2.17
C ILE A 172 -5.81 -17.68 2.36
N ASN A 173 -6.01 -18.62 3.27
CA ASN A 173 -7.35 -19.12 3.56
C ASN A 173 -8.15 -18.09 4.37
N ASP A 174 -7.46 -17.32 5.20
CA ASP A 174 -8.13 -16.30 6.00
C ASP A 174 -8.74 -15.21 5.12
N VAL A 175 -7.98 -14.76 4.13
CA VAL A 175 -8.45 -13.72 3.23
C VAL A 175 -9.67 -14.23 2.49
N THR A 176 -9.69 -15.55 2.25
CA THR A 176 -10.81 -16.21 1.57
C THR A 176 -12.08 -16.00 2.40
N LYS A 177 -11.93 -16.01 3.72
CA LYS A 177 -13.06 -15.83 4.61
C LYS A 177 -13.40 -14.36 4.77
N ALA A 178 -12.84 -13.52 3.91
CA ALA A 178 -13.13 -12.08 3.95
C ALA A 178 -13.78 -11.73 2.62
N GLY A 179 -14.14 -12.75 1.86
CA GLY A 179 -14.81 -12.54 0.57
C GLY A 179 -13.99 -12.62 -0.70
N HIS A 180 -12.71 -12.99 -0.63
CA HIS A 180 -11.87 -13.07 -1.83
C HIS A 180 -11.60 -14.47 -2.37
N THR A 181 -11.35 -14.55 -3.67
CA THR A 181 -11.08 -15.83 -4.33
C THR A 181 -9.60 -15.98 -4.70
N LEU A 182 -9.23 -17.18 -5.10
CA LEU A 182 -7.85 -17.45 -5.47
C LEU A 182 -7.49 -16.65 -6.72
N GLU A 183 -8.51 -16.17 -7.40
CA GLU A 183 -8.32 -15.38 -8.61
C GLU A 183 -7.46 -14.15 -8.27
N LEU A 184 -7.54 -13.72 -7.02
CA LEU A 184 -6.79 -12.58 -6.55
C LEU A 184 -5.66 -13.02 -5.65
N LEU A 185 -6.00 -13.87 -4.69
CA LEU A 185 -5.05 -14.37 -3.70
C LEU A 185 -3.87 -15.13 -4.30
N GLU A 186 -4.10 -15.83 -5.39
CA GLU A 186 -3.05 -16.59 -6.04
C GLU A 186 -2.01 -15.61 -6.59
N PRO A 187 -2.45 -14.64 -7.40
CA PRO A 187 -1.46 -13.68 -7.93
C PRO A 187 -0.82 -12.87 -6.79
N LEU A 188 -1.62 -12.58 -5.75
CA LEU A 188 -1.16 -11.80 -4.62
C LEU A 188 0.01 -12.45 -3.88
N VAL A 189 -0.14 -13.74 -3.57
CA VAL A 189 0.90 -14.48 -2.88
C VAL A 189 2.15 -14.57 -3.76
N LYS A 190 1.92 -14.78 -5.06
CA LYS A 190 2.99 -14.84 -6.05
C LYS A 190 3.75 -13.52 -6.08
N PHE A 191 3.01 -12.41 -5.96
CA PHE A 191 3.59 -11.08 -5.94
C PHE A 191 4.43 -10.89 -4.68
N GLN A 192 3.84 -11.23 -3.54
CA GLN A 192 4.52 -11.12 -2.25
C GLN A 192 5.86 -11.85 -2.26
N VAL A 193 5.84 -13.09 -2.76
CA VAL A 193 7.06 -13.90 -2.83
C VAL A 193 8.09 -13.28 -3.77
N GLY A 194 7.67 -12.85 -4.96
CA GLY A 194 8.59 -12.23 -5.88
C GLY A 194 9.24 -11.01 -5.27
N LEU A 195 8.44 -10.16 -4.63
CA LEU A 195 8.93 -8.95 -4.00
C LEU A 195 9.84 -9.26 -2.80
N LYS A 196 9.45 -10.28 -2.04
CA LYS A 196 10.22 -10.66 -0.85
C LYS A 196 11.63 -11.03 -1.29
N LYS A 197 11.73 -11.68 -2.46
CA LYS A 197 13.01 -12.10 -3.00
C LYS A 197 13.92 -10.96 -3.47
N LEU A 198 13.38 -9.80 -3.81
CA LEU A 198 14.22 -8.70 -4.25
C LEU A 198 15.07 -8.18 -3.10
N LYS A 199 14.80 -8.67 -1.89
CA LYS A 199 15.53 -8.24 -0.70
C LYS A 199 15.84 -6.76 -0.71
N LEU A 200 14.82 -5.94 -0.91
CA LEU A 200 15.00 -4.49 -0.95
C LEU A 200 15.52 -3.93 0.37
N HIS A 201 16.22 -2.80 0.28
CA HIS A 201 16.71 -2.13 1.47
C HIS A 201 15.50 -1.31 1.89
N GLU A 202 15.46 -0.89 3.14
CA GLU A 202 14.35 -0.10 3.62
C GLU A 202 14.15 1.11 2.70
N GLU A 203 15.28 1.69 2.24
CA GLU A 203 15.29 2.85 1.37
C GLU A 203 14.60 2.64 0.03
N GLU A 204 14.75 1.45 -0.54
CA GLU A 204 14.15 1.13 -1.83
C GLU A 204 12.67 0.77 -1.65
N HIS A 205 12.37 0.08 -0.56
CA HIS A 205 11.01 -0.32 -0.24
C HIS A 205 10.14 0.92 -0.09
N VAL A 206 10.62 1.87 0.71
CA VAL A 206 9.88 3.10 0.96
C VAL A 206 9.78 3.95 -0.32
N LEU A 207 10.84 3.96 -1.13
CA LEU A 207 10.84 4.70 -2.38
C LEU A 207 9.83 4.08 -3.36
N LEU A 208 9.73 2.77 -3.34
CA LEU A 208 8.80 2.07 -4.22
C LEU A 208 7.37 2.44 -3.85
N MET A 209 7.10 2.60 -2.55
CA MET A 209 5.75 2.96 -2.11
C MET A 209 5.42 4.39 -2.50
N ALA A 210 6.39 5.30 -2.38
CA ALA A 210 6.15 6.69 -2.71
C ALA A 210 5.98 6.86 -4.23
N ILE A 211 6.73 6.08 -4.98
CA ILE A 211 6.66 6.11 -6.45
C ILE A 211 5.28 5.59 -6.89
N CYS A 212 4.78 4.58 -6.19
CA CYS A 212 3.50 3.98 -6.52
C CYS A 212 2.36 4.94 -6.23
N LEU A 213 2.40 5.56 -5.06
CA LEU A 213 1.38 6.51 -4.63
C LEU A 213 1.40 7.82 -5.43
N LEU A 214 2.55 8.12 -6.04
CA LEU A 214 2.67 9.34 -6.84
C LEU A 214 2.60 9.08 -8.33
N SER A 215 1.79 8.11 -8.74
CA SER A 215 1.61 7.78 -10.15
C SER A 215 0.56 8.74 -10.71
N PRO A 216 0.91 9.49 -11.78
CA PRO A 216 -0.04 10.43 -12.37
C PRO A 216 -1.14 9.74 -13.20
N ASP A 217 -0.87 8.50 -13.60
CA ASP A 217 -1.81 7.71 -14.42
C ASP A 217 -2.85 6.96 -13.59
N ARG A 218 -3.68 7.73 -12.90
CA ARG A 218 -4.73 7.18 -12.06
C ARG A 218 -6.00 7.94 -12.42
N PRO A 219 -7.17 7.26 -12.39
CA PRO A 219 -8.39 8.00 -12.72
C PRO A 219 -8.63 9.12 -11.70
N GLY A 220 -9.14 10.26 -12.18
CA GLY A 220 -9.42 11.38 -11.30
C GLY A 220 -8.30 12.38 -11.11
N VAL A 221 -7.10 12.04 -11.55
CA VAL A 221 -5.95 12.92 -11.42
C VAL A 221 -6.08 14.14 -12.34
N GLN A 222 -5.98 15.35 -11.79
CA GLN A 222 -6.10 16.57 -12.58
C GLN A 222 -4.74 17.17 -12.97
N ASP A 223 -3.97 17.60 -11.97
CA ASP A 223 -2.64 18.20 -12.20
C ASP A 223 -1.63 17.11 -12.54
N HIS A 224 -1.89 16.38 -13.61
CA HIS A 224 -1.04 15.30 -14.07
C HIS A 224 0.42 15.71 -14.32
N VAL A 225 0.64 16.98 -14.63
CA VAL A 225 1.99 17.46 -14.90
C VAL A 225 2.85 17.56 -13.64
N ARG A 226 2.33 18.17 -12.59
CA ARG A 226 3.07 18.33 -11.35
C ARG A 226 3.35 16.98 -10.66
N ILE A 227 2.41 16.05 -10.80
CA ILE A 227 2.53 14.73 -10.19
C ILE A 227 3.53 13.86 -10.95
N GLU A 228 3.62 14.11 -12.25
CA GLU A 228 4.55 13.40 -13.11
C GLU A 228 5.97 13.82 -12.71
N ALA A 229 6.13 15.10 -12.38
CA ALA A 229 7.42 15.66 -11.98
C ALA A 229 7.86 15.17 -10.59
N LEU A 230 6.90 15.05 -9.67
CA LEU A 230 7.20 14.56 -8.33
C LEU A 230 7.64 13.10 -8.42
N GLN A 231 6.93 12.30 -9.22
CA GLN A 231 7.29 10.89 -9.36
C GLN A 231 8.58 10.66 -10.14
N ASP A 232 8.90 11.58 -11.06
CA ASP A 232 10.12 11.44 -11.85
C ASP A 232 11.32 11.65 -10.92
N ARG A 233 11.21 12.65 -10.05
CA ARG A 233 12.29 12.93 -9.12
C ARG A 233 12.47 11.76 -8.15
N LEU A 234 11.38 11.13 -7.72
CA LEU A 234 11.49 9.98 -6.81
C LEU A 234 12.14 8.81 -7.52
N CYS A 235 11.89 8.70 -8.82
CA CYS A 235 12.47 7.62 -9.61
C CYS A 235 13.99 7.76 -9.77
N ASP A 236 14.46 8.99 -9.94
CA ASP A 236 15.89 9.24 -10.08
C ASP A 236 16.56 8.77 -8.80
N VAL A 237 16.03 9.24 -7.68
CA VAL A 237 16.55 8.88 -6.37
C VAL A 237 16.68 7.37 -6.26
N LEU A 238 15.62 6.63 -6.58
CA LEU A 238 15.68 5.17 -6.50
C LEU A 238 16.74 4.58 -7.42
N GLN A 239 16.86 5.14 -8.63
CA GLN A 239 17.83 4.64 -9.59
C GLN A 239 19.26 4.90 -9.16
N ALA A 240 19.51 6.09 -8.64
CA ALA A 240 20.82 6.48 -8.16
C ALA A 240 21.23 5.62 -6.95
N TYR A 241 20.30 5.44 -6.01
CA TYR A 241 20.56 4.66 -4.81
C TYR A 241 20.88 3.19 -5.11
N ILE A 242 20.12 2.56 -5.99
CA ILE A 242 20.38 1.17 -6.35
C ILE A 242 21.76 1.02 -7.01
N ARG A 243 22.09 1.99 -7.87
CA ARG A 243 23.35 2.00 -8.60
C ARG A 243 24.55 2.28 -7.70
N ILE A 244 24.38 3.13 -6.69
CA ILE A 244 25.46 3.50 -5.81
C ILE A 244 25.56 2.71 -4.49
N GLN A 245 24.43 2.41 -3.87
CA GLN A 245 24.43 1.72 -2.59
C GLN A 245 23.91 0.28 -2.57
N HIS A 246 23.64 -0.31 -3.73
CA HIS A 246 23.14 -1.68 -3.73
C HIS A 246 23.97 -2.64 -4.58
N PRO A 247 25.04 -3.20 -4.01
CA PRO A 247 25.92 -4.15 -4.70
C PRO A 247 25.15 -5.32 -5.28
N GLY A 248 25.16 -5.44 -6.60
CA GLY A 248 24.45 -6.51 -7.26
C GLY A 248 23.09 -6.10 -7.77
N GLY A 249 22.74 -4.83 -7.56
CA GLY A 249 21.44 -4.34 -7.99
C GLY A 249 21.42 -3.78 -9.39
N ARG A 250 22.11 -4.44 -10.31
CA ARG A 250 22.19 -4.02 -11.70
C ARG A 250 20.83 -4.09 -12.38
N LEU A 251 20.12 -5.20 -12.16
CA LEU A 251 18.81 -5.43 -12.76
C LEU A 251 17.64 -5.09 -11.83
N LEU A 252 17.95 -4.63 -10.61
CA LEU A 252 16.92 -4.33 -9.62
C LEU A 252 15.83 -3.34 -10.02
N TYR A 253 16.24 -2.13 -10.43
CA TYR A 253 15.27 -1.12 -10.81
C TYR A 253 14.17 -1.61 -11.75
N ALA A 254 14.57 -2.28 -12.83
CA ALA A 254 13.59 -2.79 -13.80
C ALA A 254 12.65 -3.78 -13.17
N LYS A 255 13.17 -4.59 -12.25
CA LYS A 255 12.35 -5.57 -11.56
C LYS A 255 11.38 -4.88 -10.60
N MET A 256 11.78 -3.74 -10.07
CA MET A 256 10.92 -3.00 -9.16
C MET A 256 9.79 -2.35 -9.96
N ILE A 257 10.14 -1.71 -11.07
CA ILE A 257 9.16 -1.08 -11.93
C ILE A 257 8.20 -2.15 -12.42
N GLN A 258 8.72 -3.35 -12.62
CA GLN A 258 7.88 -4.46 -13.05
C GLN A 258 6.85 -4.77 -11.96
N LYS A 259 7.26 -4.65 -10.69
CA LYS A 259 6.37 -4.90 -9.56
C LYS A 259 5.20 -3.91 -9.49
N LEU A 260 5.39 -2.70 -10.01
CA LEU A 260 4.33 -1.70 -10.03
C LEU A 260 3.28 -2.13 -11.06
N ALA A 261 3.75 -2.79 -12.11
CA ALA A 261 2.85 -3.25 -13.16
C ALA A 261 2.00 -4.38 -12.59
N ASP A 262 2.65 -5.26 -11.85
CA ASP A 262 1.96 -6.40 -11.22
C ASP A 262 0.87 -5.88 -10.28
N LEU A 263 1.18 -4.81 -9.55
CA LEU A 263 0.24 -4.21 -8.61
C LEU A 263 -1.01 -3.69 -9.31
N ARG A 264 -0.85 -3.16 -10.52
CA ARG A 264 -1.99 -2.66 -11.28
C ARG A 264 -3.01 -3.76 -11.49
N SER A 265 -2.54 -4.95 -11.87
CA SER A 265 -3.41 -6.10 -12.11
C SER A 265 -4.07 -6.58 -10.83
N LEU A 266 -3.34 -6.52 -9.71
CA LEU A 266 -3.87 -6.95 -8.42
C LEU A 266 -4.94 -5.94 -7.97
N ASN A 267 -4.65 -4.66 -8.19
CA ASN A 267 -5.58 -3.59 -7.83
C ASN A 267 -6.90 -3.79 -8.58
N GLU A 268 -6.78 -4.03 -9.88
CA GLU A 268 -7.90 -4.25 -10.78
C GLU A 268 -8.77 -5.42 -10.32
N GLU A 269 -8.14 -6.54 -9.98
CA GLU A 269 -8.85 -7.74 -9.53
C GLU A 269 -9.45 -7.53 -8.13
N HIS A 270 -8.72 -6.81 -7.27
CA HIS A 270 -9.20 -6.54 -5.93
C HIS A 270 -10.45 -5.65 -6.00
N SER A 271 -10.43 -4.66 -6.88
CA SER A 271 -11.57 -3.76 -7.05
C SER A 271 -12.84 -4.47 -7.48
N LYS A 272 -12.71 -5.44 -8.38
CA LYS A 272 -13.87 -6.20 -8.84
C LYS A 272 -14.48 -6.95 -7.67
N GLN A 273 -13.66 -7.75 -7.02
CA GLN A 273 -14.09 -8.54 -5.87
C GLN A 273 -14.64 -7.69 -4.74
N TYR A 274 -14.07 -6.50 -4.55
CA TYR A 274 -14.56 -5.62 -3.48
C TYR A 274 -15.93 -5.05 -3.88
N ARG A 275 -16.09 -4.71 -5.15
CA ARG A 275 -17.36 -4.17 -5.64
C ARG A 275 -18.44 -5.18 -5.36
N SER A 276 -18.17 -6.45 -5.68
CA SER A 276 -19.14 -7.51 -5.43
C SER A 276 -19.55 -7.56 -3.96
N LEU A 277 -18.57 -7.42 -3.08
CA LEU A 277 -18.82 -7.46 -1.65
C LEU A 277 -19.61 -6.23 -1.16
N SER A 278 -19.23 -5.06 -1.64
CA SER A 278 -19.89 -3.83 -1.22
C SER A 278 -21.34 -3.73 -1.68
N PHE A 279 -21.74 -4.54 -2.65
CA PHE A 279 -23.13 -4.50 -3.14
C PHE A 279 -24.09 -5.34 -2.31
N GLN A 280 -23.54 -6.10 -1.36
CA GLN A 280 -24.38 -6.93 -0.50
C GLN A 280 -24.35 -6.32 0.90
N PRO A 281 -25.40 -5.56 1.27
CA PRO A 281 -25.50 -4.91 2.57
C PRO A 281 -25.15 -5.71 3.83
N GLU A 282 -25.39 -7.03 3.82
CA GLU A 282 -25.05 -7.86 4.97
C GLU A 282 -23.51 -7.93 5.12
N HIS A 283 -22.81 -7.65 4.03
CA HIS A 283 -21.35 -7.68 4.05
C HIS A 283 -20.81 -6.26 4.18
N SER A 284 -21.35 -5.34 3.38
CA SER A 284 -20.88 -3.97 3.44
C SER A 284 -21.04 -3.39 4.84
N MET A 285 -22.04 -3.87 5.59
CA MET A 285 -22.31 -3.39 6.95
C MET A 285 -21.21 -3.78 7.93
N GLN A 286 -20.37 -4.72 7.52
CA GLN A 286 -19.24 -5.21 8.33
C GLN A 286 -17.99 -4.35 8.08
N LEU A 287 -18.03 -3.54 7.03
CA LEU A 287 -16.90 -2.68 6.68
C LEU A 287 -16.86 -1.45 7.58
N THR A 288 -15.81 -0.65 7.48
CA THR A 288 -15.73 0.57 8.28
C THR A 288 -16.06 1.76 7.39
N PRO A 289 -16.39 2.92 7.99
CA PRO A 289 -16.71 4.11 7.20
C PRO A 289 -15.53 4.57 6.30
N LEU A 290 -14.29 4.42 6.79
CA LEU A 290 -13.12 4.82 6.01
C LEU A 290 -12.90 3.87 4.82
N VAL A 291 -13.08 2.58 5.04
CA VAL A 291 -12.90 1.63 3.96
C VAL A 291 -13.95 1.88 2.87
N LEU A 292 -15.19 2.12 3.28
CA LEU A 292 -16.26 2.37 2.32
C LEU A 292 -16.00 3.63 1.50
N GLU A 293 -15.39 4.63 2.14
CA GLU A 293 -15.09 5.89 1.48
C GLU A 293 -13.96 5.74 0.46
N VAL A 294 -12.86 5.15 0.88
CA VAL A 294 -11.70 4.98 0.03
C VAL A 294 -11.90 3.99 -1.11
N PHE A 295 -12.58 2.89 -0.86
CA PHE A 295 -12.79 1.90 -1.90
C PHE A 295 -14.11 2.11 -2.62
N GLY A 296 -14.89 3.06 -2.16
CA GLY A 296 -16.17 3.34 -2.79
C GLY A 296 -15.94 4.06 -4.10
N SER A 297 -16.98 4.19 -4.90
CA SER A 297 -16.87 4.85 -6.20
C SER A 297 -17.57 6.21 -6.24
N GLU A 298 -18.05 6.65 -5.08
CA GLU A 298 -18.75 7.92 -4.96
C GLU A 298 -17.79 9.09 -4.93
N VAL A 299 -17.03 9.27 -6.01
CA VAL A 299 -16.07 10.36 -6.11
C VAL A 299 -16.74 11.69 -6.51
N LYS B 1 -18.53 11.84 -0.95
CA LYS B 1 -18.26 13.07 -0.24
C LYS B 1 -16.82 13.16 0.23
N HIS B 2 -16.30 12.06 0.76
CA HIS B 2 -14.92 11.99 1.23
C HIS B 2 -14.64 12.86 2.46
N LYS B 3 -15.62 13.00 3.35
CA LYS B 3 -15.38 13.84 4.50
C LYS B 3 -14.31 13.28 5.43
N ILE B 4 -14.22 11.95 5.53
CA ILE B 4 -13.22 11.35 6.41
C ILE B 4 -11.81 11.58 5.84
N LEU B 5 -11.64 11.32 4.54
CA LEU B 5 -10.33 11.51 3.90
C LEU B 5 -9.87 12.97 4.01
N HIS B 6 -10.78 13.92 3.81
CA HIS B 6 -10.44 15.32 3.92
C HIS B 6 -9.92 15.63 5.31
N ARG B 7 -10.67 15.19 6.33
CA ARG B 7 -10.28 15.40 7.71
C ARG B 7 -8.89 14.82 7.97
N LEU B 8 -8.66 13.57 7.55
CA LEU B 8 -7.38 12.91 7.76
C LEU B 8 -6.21 13.56 7.01
N LEU B 9 -6.49 14.17 5.87
CA LEU B 9 -5.44 14.83 5.10
C LEU B 9 -5.17 16.18 5.75
N GLN B 10 -5.67 16.29 6.98
CA GLN B 10 -5.55 17.49 7.81
C GLN B 10 -6.49 18.53 7.23
C1 0U3 C . -2.68 -5.16 5.60
C2 0U3 C . -1.66 -5.60 6.50
C3 0U3 C . -1.17 -7.06 6.44
C4 0U3 C . -1.77 -7.92 5.48
C5 0U3 C . -2.83 -7.49 4.54
C6 0U3 C . -3.25 -6.07 4.64
C7 0U3 C . -3.44 -8.54 3.49
C8 0U3 C . -4.96 -8.44 2.98
C9 0U3 C . -3.35 -10.09 4.00
C10 0U3 C . -2.37 -8.47 2.24
C11 0U3 C . -2.10 -7.13 1.41
C12 0U3 C . -4.20 -10.66 5.21
C13 0U3 C . -5.35 -8.77 1.55
C14 0U3 C . -6.70 -8.69 1.10
C15 0U3 C . -7.76 -8.29 2.16
C16 0U3 C . -7.06 -9.02 -0.34
C17 0U3 C . -7.33 -7.98 3.53
C18 0U3 C . -6.01 -8.06 3.90
O19 0U3 C . -1.13 -4.76 7.38
O22 0U3 C . -0.91 -0.86 8.27
C20 0U3 C . 0.05 -4.10 6.88
C21 0U3 C . 0.13 -2.67 7.41
N23 0U3 C . -1.00 -2.14 7.80
O24 0U3 C . 1.19 -2.04 7.48
C25 0U3 C . -11.78 -5.61 2.59
C26 0U3 C . -13.14 -6.01 1.94
C27 0U3 C . -11.96 -6.18 4.05
C28 0U3 C . -11.69 -4.14 2.54
C29 0U3 C . -9.74 -7.02 2.41
O30 0U3 C . -9.21 -8.22 1.68
C31 0U3 C . -10.58 -6.04 1.69
O32 0U3 C . -10.90 -6.67 0.45
C33 0U3 C . -0.09 -7.66 7.33
#